data_7Y3I
#
_entry.id   7Y3I
#
_cell.length_a   48.975
_cell.length_b   69.197
_cell.length_c   110.295
_cell.angle_alpha   90.000
_cell.angle_beta   90.000
_cell.angle_gamma   90.000
#
_symmetry.space_group_name_H-M   'P 21 21 21'
#
loop_
_entity.id
_entity.type
_entity.pdbx_description
1 polymer 'DNA (12-mer)'
2 polymer 'DNA (12-mer)'
3 polymer 'Sal-like protein 4'
4 non-polymer 'ZINC ION'
5 water water
#
loop_
_entity_poly.entity_id
_entity_poly.type
_entity_poly.pdbx_seq_one_letter_code
_entity_poly.pdbx_strand_id
1 'polydeoxyribonucleotide' (DG)(DG)(DA)(DA)(DA)(DT)(DA)(DT)(DT)(DA)(DC)(DC) L,G
2 'polydeoxyribonucleotide' (DG)(DG)(DT)(DA)(DA)(DT)(DA)(DT)(DT)(DT)(DC)(DC) K,H
3 'polypeptide(L)' GHMTPLLAAQPRRQAKQHGCTRCGKNFSSASALQIHERTHTGEKPFVCNICGRAFTTKGNLKVHYMTHGANNNSARRG A,B,C,D
#
loop_
_chem_comp.id
_chem_comp.type
_chem_comp.name
_chem_comp.formula
DA DNA linking 2'-DEOXYADENOSINE-5'-MONOPHOSPHATE 'C10 H14 N5 O6 P'
DC DNA linking 2'-DEOXYCYTIDINE-5'-MONOPHOSPHATE 'C9 H14 N3 O7 P'
DG DNA linking 2'-DEOXYGUANOSINE-5'-MONOPHOSPHATE 'C10 H14 N5 O7 P'
DT DNA linking THYMIDINE-5'-MONOPHOSPHATE 'C10 H15 N2 O8 P'
ZN non-polymer 'ZINC ION' 'Zn 2'
#
# COMPACT_ATOMS: atom_id res chain seq x y z
N LYS E 16 0.96 4.88 3.29
CA LYS E 16 0.46 4.36 4.57
C LYS E 16 -1.07 4.35 4.62
N GLN E 17 -1.67 5.45 5.11
CA GLN E 17 -3.09 5.47 5.40
C GLN E 17 -3.90 5.88 4.17
N HIS E 18 -4.96 5.11 3.90
CA HIS E 18 -5.90 5.40 2.83
C HIS E 18 -7.29 5.42 3.46
N GLY E 19 -7.67 6.59 4.00
CA GLY E 19 -8.96 6.71 4.65
C GLY E 19 -10.07 6.97 3.66
N CYS E 20 -11.25 6.53 4.02
CA CYS E 20 -12.43 6.71 3.19
C CYS E 20 -13.08 8.03 3.56
N THR E 21 -13.33 8.86 2.55
CA THR E 21 -13.95 10.16 2.77
C THR E 21 -15.42 10.04 3.13
N ARG E 22 -16.04 8.88 2.94
CA ARG E 22 -17.46 8.76 3.22
C ARG E 22 -17.74 8.36 4.67
N CYS E 23 -16.89 7.54 5.29
CA CYS E 23 -17.19 7.00 6.59
C CYS E 23 -16.06 7.13 7.61
N GLY E 24 -14.85 7.51 7.18
CA GLY E 24 -13.76 7.76 8.10
C GLY E 24 -12.83 6.58 8.34
N LYS E 25 -13.26 5.36 8.04
CA LYS E 25 -12.42 4.19 8.28
C LYS E 25 -11.15 4.27 7.44
N ASN E 26 -10.09 3.63 7.94
CA ASN E 26 -8.79 3.67 7.30
C ASN E 26 -8.44 2.29 6.77
N PHE E 27 -7.65 2.26 5.70
CA PHE E 27 -7.27 1.00 5.09
C PHE E 27 -5.80 1.00 4.74
N SER E 28 -5.22 -0.20 4.71
CA SER E 28 -3.78 -0.38 4.60
C SER E 28 -3.22 -0.02 3.23
N SER E 29 -4.06 0.17 2.22
CA SER E 29 -3.57 0.31 0.86
C SER E 29 -4.60 1.09 0.06
N ALA E 30 -4.22 1.45 -1.18
CA ALA E 30 -5.17 2.10 -2.07
C ALA E 30 -6.17 1.10 -2.61
N SER E 31 -5.72 -0.12 -2.93
CA SER E 31 -6.63 -1.13 -3.45
C SER E 31 -7.59 -1.62 -2.36
N ALA E 32 -7.13 -1.68 -1.11
CA ALA E 32 -8.02 -2.07 -0.03
C ALA E 32 -9.09 -1.03 0.20
N LEU E 33 -8.76 0.25 0.03
CA LEU E 33 -9.78 1.28 0.11
C LEU E 33 -10.76 1.16 -1.06
N GLN E 34 -10.26 0.87 -2.26
CA GLN E 34 -11.13 0.72 -3.42
C GLN E 34 -12.14 -0.39 -3.18
N ILE E 35 -11.70 -1.50 -2.57
CA ILE E 35 -12.61 -2.59 -2.23
C ILE E 35 -13.64 -2.11 -1.21
N HIS E 36 -13.19 -1.39 -0.18
CA HIS E 36 -14.10 -0.91 0.85
C HIS E 36 -15.12 0.06 0.27
N GLU E 37 -14.68 0.93 -0.64
CA GLU E 37 -15.58 1.92 -1.22
C GLU E 37 -16.75 1.28 -1.95
N ARG E 38 -16.64 0.00 -2.32
CA ARG E 38 -17.76 -0.68 -2.94
C ARG E 38 -18.91 -0.90 -1.94
N THR E 39 -18.62 -0.92 -0.63
CA THR E 39 -19.70 -0.90 0.35
C THR E 39 -20.51 0.38 0.23
N HIS E 40 -19.90 1.45 -0.25
CA HIS E 40 -20.62 2.70 -0.41
C HIS E 40 -21.33 2.79 -1.75
N THR E 41 -20.68 2.34 -2.83
CA THR E 41 -21.32 2.44 -4.13
C THR E 41 -22.21 1.24 -4.45
N GLY E 42 -22.09 0.15 -3.70
CA GLY E 42 -22.91 -1.02 -3.94
C GLY E 42 -22.56 -1.77 -5.22
N GLU E 43 -21.44 -1.41 -5.84
CA GLU E 43 -21.01 -2.12 -7.04
C GLU E 43 -20.43 -3.48 -6.66
N LYS E 44 -20.79 -4.50 -7.44
CA LYS E 44 -20.32 -5.87 -7.20
C LYS E 44 -19.78 -6.41 -8.51
N PRO E 45 -18.51 -6.22 -8.78
CA PRO E 45 -17.99 -6.56 -10.11
C PRO E 45 -17.86 -8.05 -10.38
N PHE E 46 -17.92 -8.91 -9.36
CA PHE E 46 -17.49 -10.30 -9.49
C PHE E 46 -18.68 -11.23 -9.44
N VAL E 47 -19.08 -11.76 -10.60
CA VAL E 47 -20.33 -12.49 -10.75
C VAL E 47 -20.05 -13.96 -10.96
N CYS E 48 -20.79 -14.80 -10.24
CA CYS E 48 -20.68 -16.25 -10.36
C CYS E 48 -21.24 -16.69 -11.71
N ASN E 49 -20.40 -17.37 -12.51
CA ASN E 49 -20.89 -17.90 -13.79
C ASN E 49 -21.86 -19.05 -13.62
N ILE E 50 -21.91 -19.65 -12.44
CA ILE E 50 -22.82 -20.77 -12.23
C ILE E 50 -24.20 -20.28 -11.80
N CYS E 51 -24.27 -19.39 -10.82
CA CYS E 51 -25.55 -18.99 -10.26
C CYS E 51 -25.87 -17.52 -10.41
N GLY E 52 -24.96 -16.69 -10.93
CA GLY E 52 -25.29 -15.31 -11.19
C GLY E 52 -25.19 -14.37 -10.02
N ARG E 53 -24.71 -14.84 -8.85
CA ARG E 53 -24.61 -13.98 -7.68
C ARG E 53 -23.43 -13.01 -7.82
N ALA E 54 -23.67 -11.77 -7.42
CA ALA E 54 -22.65 -10.73 -7.52
C ALA E 54 -21.95 -10.55 -6.17
N PHE E 55 -20.64 -10.33 -6.23
CA PHE E 55 -19.85 -10.12 -5.03
C PHE E 55 -19.01 -8.86 -5.17
N THR E 56 -18.73 -8.24 -4.04
CA THR E 56 -17.87 -7.06 -4.04
C THR E 56 -16.42 -7.42 -4.28
N THR E 57 -15.98 -8.60 -3.84
CA THR E 57 -14.57 -8.93 -3.93
C THR E 57 -14.38 -10.25 -4.66
N LYS E 58 -13.25 -10.33 -5.37
CA LYS E 58 -12.84 -11.55 -6.05
C LYS E 58 -12.77 -12.74 -5.11
N GLY E 59 -12.20 -12.54 -3.91
CA GLY E 59 -12.01 -13.65 -2.99
C GLY E 59 -13.29 -14.19 -2.38
N ASN E 60 -14.26 -13.30 -2.13
CA ASN E 60 -15.58 -13.77 -1.68
C ASN E 60 -16.27 -14.59 -2.76
N LEU E 61 -16.14 -14.15 -4.01
CA LEU E 61 -16.65 -14.94 -5.12
C LEU E 61 -15.95 -16.29 -5.18
N LYS E 62 -14.61 -16.29 -4.98
CA LYS E 62 -13.85 -17.53 -4.99
C LYS E 62 -14.35 -18.52 -3.94
N VAL E 63 -14.50 -18.07 -2.68
CA VAL E 63 -15.03 -18.92 -1.63
C VAL E 63 -16.43 -19.41 -1.98
N HIS E 64 -17.22 -18.53 -2.63
CA HIS E 64 -18.58 -18.89 -3.00
C HIS E 64 -18.60 -20.04 -4.01
N TYR E 65 -17.67 -20.04 -4.96
CA TYR E 65 -17.65 -21.10 -5.97
C TYR E 65 -17.60 -22.48 -5.34
N MET E 66 -16.86 -22.61 -4.25
CA MET E 66 -16.73 -23.90 -3.58
C MET E 66 -18.06 -24.40 -3.00
N THR E 67 -19.08 -23.55 -2.90
CA THR E 67 -20.38 -24.02 -2.47
C THR E 67 -21.12 -24.76 -3.57
N HIS E 68 -20.68 -24.64 -4.82
CA HIS E 68 -21.28 -25.37 -5.92
C HIS E 68 -20.64 -26.75 -6.10
N GLY E 69 -19.41 -26.93 -5.67
CA GLY E 69 -18.67 -28.17 -5.88
C GLY E 69 -19.21 -29.37 -5.13
N GLN F 17 16.75 24.51 12.08
CA GLN F 17 18.06 24.11 11.55
C GLN F 17 18.51 22.77 12.15
N HIS F 18 18.67 21.77 11.28
CA HIS F 18 19.02 20.39 11.69
C HIS F 18 20.28 19.97 10.95
N GLY F 19 21.43 20.34 11.49
CA GLY F 19 22.69 20.12 10.80
C GLY F 19 23.29 18.75 11.06
N CYS F 20 23.96 18.23 10.05
CA CYS F 20 24.70 16.99 10.20
C CYS F 20 26.02 17.30 10.87
N THR F 21 26.44 16.46 11.80
CA THR F 21 27.72 16.71 12.45
C THR F 21 28.87 16.31 11.55
N ARG F 22 28.70 15.24 10.77
CA ARG F 22 29.78 14.71 9.93
C ARG F 22 30.05 15.59 8.71
N CYS F 23 29.00 16.11 8.07
CA CYS F 23 29.22 17.12 7.05
C CYS F 23 28.32 18.30 7.38
N GLY F 24 28.60 19.44 6.76
CA GLY F 24 27.98 20.66 7.23
C GLY F 24 26.48 20.78 6.96
N LYS F 25 25.91 19.89 6.17
CA LYS F 25 24.61 20.13 5.56
C LYS F 25 23.50 20.16 6.61
N ASN F 26 22.53 21.05 6.40
CA ASN F 26 21.36 21.18 7.25
C ASN F 26 20.15 20.62 6.54
N PHE F 27 19.13 20.32 7.33
CA PHE F 27 17.95 19.64 6.81
C PHE F 27 16.72 20.20 7.48
N SER F 28 15.61 20.14 6.74
CA SER F 28 14.40 20.85 7.13
C SER F 28 13.81 20.32 8.44
N SER F 29 14.16 19.12 8.86
CA SER F 29 13.56 18.49 10.03
C SER F 29 14.53 17.44 10.56
N ALA F 30 14.15 16.83 11.68
CA ALA F 30 15.00 15.82 12.28
C ALA F 30 14.96 14.50 11.51
N SER F 31 13.81 14.16 10.94
CA SER F 31 13.71 12.95 10.13
C SER F 31 14.48 13.11 8.83
N ALA F 32 14.41 14.28 8.21
CA ALA F 32 15.21 14.53 7.02
C ALA F 32 16.70 14.35 7.32
N LEU F 33 17.14 14.83 8.47
CA LEU F 33 18.53 14.63 8.87
C LEU F 33 18.81 13.17 9.11
N GLN F 34 17.89 12.48 9.77
CA GLN F 34 17.98 11.04 9.94
C GLN F 34 18.20 10.34 8.60
N ILE F 35 17.34 10.64 7.62
CA ILE F 35 17.48 10.04 6.30
C ILE F 35 18.85 10.35 5.72
N HIS F 36 19.34 11.59 5.89
CA HIS F 36 20.63 11.96 5.33
C HIS F 36 21.77 11.22 6.01
N GLU F 37 21.70 11.08 7.34
CA GLU F 37 22.79 10.41 8.03
C GLU F 37 23.00 8.99 7.52
N ARG F 38 21.98 8.38 6.91
CA ARG F 38 22.17 7.06 6.32
C ARG F 38 23.20 7.08 5.20
N THR F 39 23.48 8.24 4.62
CA THR F 39 24.55 8.32 3.64
C THR F 39 25.93 8.15 4.28
N HIS F 40 26.06 8.35 5.58
CA HIS F 40 27.33 8.16 6.27
C HIS F 40 27.45 6.77 6.90
N THR F 41 26.35 6.24 7.40
CA THR F 41 26.39 4.98 8.12
C THR F 41 26.24 3.78 7.20
N GLY F 42 25.69 3.97 6.01
CA GLY F 42 25.36 2.83 5.18
C GLY F 42 24.13 2.08 5.64
N GLU F 43 23.44 2.59 6.65
CA GLU F 43 22.12 2.09 6.97
C GLU F 43 21.24 2.18 5.74
N LYS F 44 20.58 1.07 5.43
CA LYS F 44 19.68 0.99 4.27
C LYS F 44 18.54 0.09 4.66
N PRO F 45 17.60 0.58 5.49
CA PRO F 45 16.62 -0.31 6.13
C PRO F 45 15.50 -0.81 5.23
N PHE F 46 15.45 -0.41 3.97
CA PHE F 46 14.33 -0.75 3.10
C PHE F 46 14.85 -1.69 2.01
N VAL F 47 14.43 -2.95 2.08
CA VAL F 47 15.01 -4.03 1.30
C VAL F 47 13.92 -4.61 0.41
N CYS F 48 14.18 -4.63 -0.90
CA CYS F 48 13.26 -5.21 -1.86
C CYS F 48 13.06 -6.69 -1.55
N ASN F 49 11.78 -7.10 -1.44
CA ASN F 49 11.45 -8.51 -1.25
C ASN F 49 11.65 -9.33 -2.50
N ILE F 50 11.78 -8.72 -3.66
CA ILE F 50 11.96 -9.49 -4.89
C ILE F 50 13.42 -9.81 -5.16
N CYS F 51 14.33 -8.82 -5.07
CA CYS F 51 15.73 -9.05 -5.37
C CYS F 51 16.69 -8.78 -4.23
N GLY F 52 16.23 -8.20 -3.13
CA GLY F 52 17.11 -7.98 -2.00
C GLY F 52 17.88 -6.69 -2.00
N ARG F 53 17.64 -5.79 -2.96
CA ARG F 53 18.35 -4.52 -2.95
C ARG F 53 17.89 -3.67 -1.78
N ALA F 54 18.84 -3.03 -1.11
CA ALA F 54 18.55 -2.26 0.08
C ALA F 54 18.57 -0.77 -0.26
N PHE F 55 17.71 0.00 0.40
CA PHE F 55 17.59 1.43 0.15
C PHE F 55 17.58 2.20 1.45
N THR F 56 18.14 3.41 1.39
CA THR F 56 18.06 4.33 2.51
C THR F 56 16.64 4.85 2.74
N THR F 57 15.79 4.89 1.71
CA THR F 57 14.44 5.44 1.87
C THR F 57 13.38 4.50 1.33
N LYS F 58 12.20 4.57 1.95
CA LYS F 58 11.05 3.83 1.47
C LYS F 58 10.55 4.36 0.13
N GLY F 59 10.70 5.66 -0.11
CA GLY F 59 10.31 6.20 -1.40
C GLY F 59 11.12 5.62 -2.53
N ASN F 60 12.42 5.38 -2.28
CA ASN F 60 13.27 4.89 -3.34
C ASN F 60 13.04 3.40 -3.57
N LEU F 61 12.86 2.65 -2.49
CA LEU F 61 12.48 1.26 -2.62
C LEU F 61 11.18 1.13 -3.40
N LYS F 62 10.21 1.97 -3.06
CA LYS F 62 8.94 2.03 -3.78
C LYS F 62 9.14 2.20 -5.27
N VAL F 63 9.89 3.22 -5.67
CA VAL F 63 10.18 3.43 -7.10
C VAL F 63 10.88 2.21 -7.68
N HIS F 64 11.88 1.69 -6.95
CA HIS F 64 12.59 0.51 -7.44
C HIS F 64 11.66 -0.67 -7.70
N TYR F 65 10.58 -0.79 -6.91
CA TYR F 65 9.70 -1.94 -7.07
C TYR F 65 9.02 -1.96 -8.43
N MET F 66 8.75 -0.79 -9.00
CA MET F 66 8.13 -0.70 -10.31
C MET F 66 9.06 -1.17 -11.42
N THR F 67 10.36 -1.30 -11.15
CA THR F 67 11.26 -1.88 -12.15
C THR F 67 11.10 -3.38 -12.30
N HIS F 68 10.31 -4.04 -11.44
CA HIS F 68 10.17 -5.48 -11.51
C HIS F 68 8.96 -5.94 -12.32
N GLY F 69 7.83 -5.25 -12.22
CA GLY F 69 6.65 -5.49 -13.05
C GLY F 69 6.40 -6.86 -13.67
N GLU G 43 -20.21 -16.09 24.88
CA GLU G 43 -19.06 -15.39 24.34
C GLU G 43 -18.56 -15.99 23.03
N LYS G 44 -17.49 -16.77 23.14
CA LYS G 44 -16.87 -17.45 22.00
C LYS G 44 -16.76 -18.93 22.35
N PRO G 45 -17.88 -19.67 22.29
CA PRO G 45 -17.92 -21.02 22.88
C PRO G 45 -17.19 -22.09 22.11
N PHE G 46 -16.74 -21.84 20.89
CA PHE G 46 -16.18 -22.89 20.05
C PHE G 46 -14.68 -22.68 19.92
N VAL G 47 -13.91 -23.72 20.25
CA VAL G 47 -12.46 -23.60 20.41
C VAL G 47 -11.77 -24.57 19.47
N CYS G 48 -10.77 -24.08 18.74
CA CYS G 48 -9.93 -24.92 17.91
C CYS G 48 -8.95 -25.69 18.79
N ASN G 49 -9.08 -27.02 18.79
CA ASN G 49 -8.23 -27.85 19.64
C ASN G 49 -6.76 -27.73 19.26
N ILE G 50 -6.45 -27.29 18.05
CA ILE G 50 -5.06 -27.24 17.63
C ILE G 50 -4.38 -26.01 18.19
N CYS G 51 -5.02 -24.84 18.11
CA CYS G 51 -4.33 -23.62 18.51
C CYS G 51 -5.05 -22.79 19.58
N GLY G 52 -6.20 -23.24 20.08
CA GLY G 52 -6.88 -22.55 21.15
C GLY G 52 -7.66 -21.32 20.73
N ARG G 53 -7.69 -20.98 19.45
CA ARG G 53 -8.51 -19.87 19.00
C ARG G 53 -9.98 -20.16 19.31
N ALA G 54 -10.69 -19.15 19.78
CA ALA G 54 -12.11 -19.28 20.12
C ALA G 54 -12.95 -18.55 19.08
N PHE G 55 -14.17 -19.05 18.88
CA PHE G 55 -15.04 -18.58 17.81
C PHE G 55 -16.47 -18.51 18.31
N THR G 56 -17.22 -17.59 17.71
CA THR G 56 -18.61 -17.40 18.08
C THR G 56 -19.53 -18.42 17.41
N THR G 57 -19.09 -19.03 16.32
CA THR G 57 -19.92 -19.96 15.57
C THR G 57 -19.11 -21.21 15.21
N LYS G 58 -19.84 -22.30 14.97
CA LYS G 58 -19.20 -23.50 14.42
C LYS G 58 -18.60 -23.21 13.05
N GLY G 59 -19.28 -22.36 12.27
CA GLY G 59 -18.84 -22.09 10.91
C GLY G 59 -17.52 -21.35 10.86
N ASN G 60 -17.33 -20.38 11.76
CA ASN G 60 -16.05 -19.66 11.80
C ASN G 60 -14.93 -20.58 12.28
N LEU G 61 -15.24 -21.46 13.24
CA LEU G 61 -14.27 -22.47 13.66
C LEU G 61 -13.92 -23.40 12.51
N LYS G 62 -14.94 -23.94 11.83
CA LYS G 62 -14.70 -24.88 10.74
C LYS G 62 -13.80 -24.25 9.69
N VAL G 63 -14.19 -23.07 9.22
CA VAL G 63 -13.43 -22.33 8.22
C VAL G 63 -11.99 -22.11 8.67
N HIS G 64 -11.79 -21.82 9.97
CA HIS G 64 -10.43 -21.66 10.48
C HIS G 64 -9.71 -23.00 10.59
N TYR G 65 -10.40 -24.06 11.04
CA TYR G 65 -9.76 -25.36 11.20
C TYR G 65 -9.14 -25.87 9.91
N MET G 66 -9.77 -25.57 8.77
CA MET G 66 -9.25 -26.03 7.49
C MET G 66 -7.88 -25.45 7.19
N THR G 67 -7.59 -24.24 7.66
CA THR G 67 -6.27 -23.67 7.41
C THR G 67 -5.16 -24.45 8.11
N HIS G 68 -5.50 -25.30 9.08
CA HIS G 68 -4.50 -26.01 9.85
C HIS G 68 -3.95 -27.23 9.13
N GLY G 69 -4.74 -27.85 8.25
CA GLY G 69 -4.30 -29.07 7.59
C GLY G 69 -5.37 -29.70 6.72
N LYS H 44 1.06 14.91 -14.47
CA LYS H 44 2.08 15.88 -14.86
C LYS H 44 1.68 16.74 -16.09
N PRO H 45 0.76 17.67 -15.89
CA PRO H 45 0.21 18.42 -17.03
C PRO H 45 1.04 19.60 -17.50
N PHE H 46 2.20 19.90 -16.90
CA PHE H 46 2.90 21.14 -17.16
C PHE H 46 4.20 20.84 -17.89
N VAL H 47 4.29 21.32 -19.14
CA VAL H 47 5.29 20.86 -20.08
C VAL H 47 6.24 22.01 -20.36
N CYS H 48 7.53 21.72 -20.24
CA CYS H 48 8.56 22.67 -20.62
C CYS H 48 8.69 22.68 -22.13
N ASN H 49 8.42 23.85 -22.74
CA ASN H 49 8.49 23.96 -24.19
C ASN H 49 9.92 24.07 -24.70
N ILE H 50 10.92 24.02 -23.82
CA ILE H 50 12.29 23.90 -24.26
C ILE H 50 12.71 22.43 -24.29
N CYS H 51 12.59 21.71 -23.18
CA CYS H 51 13.11 20.35 -23.15
C CYS H 51 12.03 19.28 -23.08
N GLY H 52 10.75 19.65 -23.03
CA GLY H 52 9.68 18.67 -23.09
C GLY H 52 9.38 17.92 -21.81
N ARG H 53 10.07 18.23 -20.71
CA ARG H 53 9.77 17.54 -19.47
C ARG H 53 8.40 17.97 -18.92
N ALA H 54 7.70 17.00 -18.35
CA ALA H 54 6.41 17.25 -17.72
C ALA H 54 6.60 17.39 -16.22
N PHE H 55 5.69 18.13 -15.58
CA PHE H 55 5.78 18.46 -14.17
C PHE H 55 4.39 18.44 -13.56
N THR H 56 4.28 17.99 -12.30
CA THR H 56 2.97 17.85 -11.68
C THR H 56 2.28 19.20 -11.50
N THR H 57 3.06 20.23 -11.18
CA THR H 57 2.53 21.55 -10.87
C THR H 57 3.24 22.59 -11.72
N LYS H 58 2.62 23.76 -11.84
CA LYS H 58 3.23 24.84 -12.58
C LYS H 58 4.40 25.47 -11.83
N GLY H 59 4.42 25.33 -10.49
CA GLY H 59 5.57 25.80 -9.74
C GLY H 59 6.82 25.01 -10.06
N ASN H 60 6.70 23.69 -10.14
CA ASN H 60 7.88 22.89 -10.47
C ASN H 60 8.36 23.20 -11.88
N LEU H 61 7.44 23.43 -12.81
CA LEU H 61 7.86 23.81 -14.15
C LEU H 61 8.56 25.16 -14.15
N LYS H 62 8.01 26.15 -13.42
CA LYS H 62 8.64 27.46 -13.34
C LYS H 62 10.06 27.35 -12.79
N VAL H 63 10.20 26.70 -11.63
CA VAL H 63 11.50 26.40 -11.05
C VAL H 63 12.43 25.79 -12.10
N HIS H 64 11.93 24.80 -12.84
CA HIS H 64 12.79 24.07 -13.77
C HIS H 64 13.20 24.93 -14.96
N TYR H 65 12.31 25.80 -15.44
CA TYR H 65 12.61 26.58 -16.63
C TYR H 65 13.83 27.46 -16.43
N MET H 66 14.13 27.84 -15.19
CA MET H 66 15.33 28.62 -14.92
C MET H 66 16.60 27.89 -15.35
N THR H 67 16.62 26.55 -15.26
CA THR H 67 17.84 25.82 -15.62
C THR H 67 18.25 26.05 -17.07
N HIS H 68 17.34 26.50 -17.92
CA HIS H 68 17.64 26.73 -19.33
C HIS H 68 18.17 28.13 -19.61
N GLY H 69 18.16 29.02 -18.62
CA GLY H 69 18.59 30.40 -18.82
C GLY H 69 20.05 30.57 -19.22
ZN ZN I . -16.22 4.15 3.91
ZN ZN J . -22.75 -19.16 -7.54
ZN ZN K . 26.20 14.52 6.61
ZN ZN L . 14.22 -5.42 -6.39
ZN ZN M . -6.61 -23.40 15.23
ZN ZN N . 13.05 22.13 -19.75
#